data_6ER6
#
_entry.id   6ER6
#
_cell.length_a   39.340
_cell.length_b   56.297
_cell.length_c   101.977
_cell.angle_alpha   90.000
_cell.angle_beta   90.000
_cell.angle_gamma   90.000
#
_symmetry.space_group_name_H-M   'P 21 21 21'
#
loop_
_entity.id
_entity.type
_entity.pdbx_description
1 polymer 'Endonuclease colEdes7'
2 polymer 'immunity Imdes7'
3 water water
#
loop_
_entity_poly.entity_id
_entity_poly.type
_entity_poly.pdbx_seq_one_letter_code
_entity_poly.pdbx_strand_id
1 'polypeptide(L)'
;MESKRNKPGKATGKGKPVGDKWLDDAGKDSGAPIPDRIADKLRDKEFKNFDDFRKKFWEEVSKDPDLAKQFKRSNRKRIQ
QGYAPFAPQKDQVGGRTTFELHHDKPISQDGGVYDMNNIRVTTPKRAIDIHRGK
;
B
2 'polypeptide(L)'
;MELKHSISDYTEAEFLEFVKKIEDANSSEDEQQKLVEEFIRLTEHPSGSDLIYYPRDDREDSPEGIVKEIKEWRAANGKS
GFKQGLEHHHHHH
;
A
#
# COMPACT_ATOMS: atom_id res chain seq x y z
N LYS A 4 12.62 3.02 -21.48
CA LYS A 4 11.46 2.28 -22.08
C LYS A 4 10.20 2.52 -21.23
N ARG A 5 10.33 2.56 -19.91
CA ARG A 5 9.20 2.83 -18.97
C ARG A 5 8.69 4.27 -19.14
N ASN A 6 9.50 5.15 -19.74
CA ASN A 6 9.18 6.60 -19.89
C ASN A 6 8.73 6.90 -21.30
N LYS A 7 8.65 5.87 -22.12
CA LYS A 7 8.24 6.01 -23.53
C LYS A 7 6.75 5.70 -23.65
N PRO A 8 5.99 6.40 -24.52
CA PRO A 8 4.57 6.14 -24.66
C PRO A 8 4.34 4.89 -25.53
N GLY A 9 3.10 4.40 -25.49
CA GLY A 9 2.72 3.21 -26.27
C GLY A 9 1.30 2.73 -25.98
N LYS A 10 0.96 1.58 -26.56
CA LYS A 10 -0.40 1.00 -26.64
C LYS A 10 -0.44 -0.30 -25.81
N ALA A 11 -1.41 -0.44 -24.91
CA ALA A 11 -1.66 -1.66 -24.11
C ALA A 11 -2.11 -2.80 -25.04
N THR A 12 -1.54 -4.00 -24.86
CA THR A 12 -1.85 -5.23 -25.64
C THR A 12 -1.82 -6.44 -24.70
N GLY A 13 -2.42 -7.56 -25.12
CA GLY A 13 -2.35 -8.86 -24.39
C GLY A 13 -3.64 -9.23 -23.67
N LYS A 14 -3.62 -10.36 -22.94
CA LYS A 14 -4.82 -11.10 -22.46
C LYS A 14 -4.93 -11.12 -20.93
N GLY A 15 -3.81 -11.18 -20.20
CA GLY A 15 -3.79 -11.40 -18.74
C GLY A 15 -4.04 -12.86 -18.40
N LYS A 16 -4.37 -13.17 -17.13
CA LYS A 16 -4.62 -14.55 -16.64
C LYS A 16 -5.81 -14.59 -15.69
N PRO A 17 -6.50 -15.75 -15.56
CA PRO A 17 -7.55 -15.91 -14.55
C PRO A 17 -6.97 -15.82 -13.13
N VAL A 18 -7.72 -15.21 -12.21
CA VAL A 18 -7.22 -14.87 -10.85
C VAL A 18 -8.30 -15.17 -9.81
N GLY A 19 -7.89 -15.72 -8.66
CA GLY A 19 -8.76 -16.14 -7.53
C GLY A 19 -8.75 -15.13 -6.40
N ASP A 20 -8.89 -15.61 -5.15
CA ASP A 20 -9.17 -14.79 -3.95
C ASP A 20 -7.88 -14.45 -3.17
N LYS A 21 -6.72 -14.95 -3.58
CA LYS A 21 -5.40 -14.64 -2.94
C LYS A 21 -4.44 -14.11 -4.01
N TRP A 22 -4.91 -13.17 -4.83
CA TRP A 22 -4.24 -12.68 -6.05
C TRP A 22 -2.79 -12.28 -5.76
N LEU A 23 -2.56 -11.39 -4.80
CA LEU A 23 -1.23 -10.80 -4.58
C LEU A 23 -0.38 -11.67 -3.66
N ASP A 24 -0.82 -12.87 -3.25
CA ASP A 24 0.08 -13.85 -2.61
C ASP A 24 1.23 -14.20 -3.57
N ASP A 25 1.00 -14.07 -4.89
CA ASP A 25 2.01 -14.36 -5.95
C ASP A 25 2.98 -13.18 -6.14
N ALA A 26 2.71 -12.01 -5.56
CA ALA A 26 3.46 -10.76 -5.86
C ALA A 26 4.91 -10.87 -5.41
N GLY A 27 5.20 -11.63 -4.34
CA GLY A 27 6.57 -11.80 -3.81
C GLY A 27 7.25 -13.05 -4.36
N LYS A 28 6.58 -13.82 -5.21
CA LYS A 28 7.06 -15.12 -5.72
C LYS A 28 7.77 -14.92 -7.06
N ASP A 29 8.46 -15.95 -7.52
CA ASP A 29 9.22 -15.96 -8.80
C ASP A 29 8.35 -15.36 -9.92
N SER A 30 7.10 -15.79 -10.01
CA SER A 30 6.16 -15.44 -11.11
C SER A 30 5.72 -13.98 -11.02
N GLY A 31 5.72 -13.39 -9.82
CA GLY A 31 4.88 -12.21 -9.53
C GLY A 31 3.41 -12.54 -9.74
N ALA A 32 2.52 -11.56 -9.61
CA ALA A 32 1.07 -11.73 -9.83
C ALA A 32 0.71 -11.24 -11.24
N PRO A 33 -0.17 -11.96 -11.96
CA PRO A 33 -0.57 -11.54 -13.31
C PRO A 33 -1.60 -10.40 -13.29
N ILE A 34 -1.71 -9.70 -14.41
CA ILE A 34 -2.88 -8.81 -14.68
C ILE A 34 -4.09 -9.74 -14.76
N PRO A 35 -5.14 -9.55 -13.93
CA PRO A 35 -6.36 -10.33 -14.07
C PRO A 35 -6.94 -10.18 -15.48
N ASP A 36 -7.37 -11.29 -16.10
CA ASP A 36 -7.82 -11.33 -17.52
C ASP A 36 -8.91 -10.27 -17.75
N ARG A 37 -9.85 -10.15 -16.82
CA ARG A 37 -11.03 -9.22 -16.92
C ARG A 37 -10.55 -7.77 -16.82
N ILE A 38 -9.55 -7.50 -15.98
CA ILE A 38 -8.91 -6.15 -15.92
C ILE A 38 -8.26 -5.87 -17.28
N ALA A 39 -7.60 -6.88 -17.86
CA ALA A 39 -6.83 -6.79 -19.12
C ALA A 39 -7.73 -6.32 -20.28
N ASP A 40 -8.98 -6.76 -20.27
CA ASP A 40 -9.98 -6.44 -21.32
C ASP A 40 -10.24 -4.93 -21.34
N LYS A 41 -10.16 -4.27 -20.17
CA LYS A 41 -10.63 -2.87 -19.99
C LYS A 41 -9.53 -1.88 -20.39
N LEU A 42 -8.30 -2.36 -20.48
CA LEU A 42 -7.16 -1.46 -20.82
C LEU A 42 -6.67 -1.68 -22.25
N ARG A 43 -7.00 -2.80 -22.88
CA ARG A 43 -6.51 -3.11 -24.25
C ARG A 43 -6.78 -1.97 -25.23
N ASP A 44 -5.73 -1.61 -25.97
CA ASP A 44 -5.70 -0.57 -27.05
C ASP A 44 -5.69 0.86 -26.52
N LYS A 45 -5.66 1.05 -25.18
CA LYS A 45 -5.60 2.44 -24.68
C LYS A 45 -4.18 2.95 -24.87
N GLU A 46 -4.02 4.26 -25.07
CA GLU A 46 -2.67 4.84 -25.29
C GLU A 46 -2.20 5.46 -23.97
N PHE A 47 -0.92 5.36 -23.69
CA PHE A 47 -0.33 5.84 -22.42
C PHE A 47 0.93 6.66 -22.73
N LYS A 48 1.05 7.81 -22.07
CA LYS A 48 2.20 8.76 -22.16
C LYS A 48 3.47 8.07 -21.64
N ASN A 49 3.33 7.24 -20.60
CA ASN A 49 4.44 6.45 -19.99
C ASN A 49 3.83 5.33 -19.14
N PHE A 50 4.67 4.55 -18.45
CA PHE A 50 4.21 3.35 -17.71
C PHE A 50 3.50 3.80 -16.42
N ASP A 51 3.91 4.94 -15.85
CA ASP A 51 3.26 5.58 -14.67
C ASP A 51 1.79 5.86 -14.99
N ASP A 52 1.50 6.18 -16.25
CA ASP A 52 0.15 6.53 -16.75
C ASP A 52 -0.75 5.27 -16.71
N PHE A 53 -0.23 4.13 -17.20
CA PHE A 53 -0.93 2.82 -17.19
C PHE A 53 -1.22 2.39 -15.74
N ARG A 54 -0.24 2.58 -14.86
CA ARG A 54 -0.30 2.18 -13.43
C ARG A 54 -1.57 2.75 -12.78
N LYS A 55 -1.88 4.02 -13.01
CA LYS A 55 -3.02 4.72 -12.35
C LYS A 55 -4.34 4.08 -12.78
N LYS A 56 -4.57 3.89 -14.09
CA LYS A 56 -5.84 3.33 -14.64
C LYS A 56 -6.00 1.87 -14.16
N PHE A 57 -4.90 1.11 -14.10
CA PHE A 57 -4.89 -0.30 -13.63
C PHE A 57 -5.49 -0.41 -12.23
N TRP A 58 -4.95 0.31 -11.25
CA TRP A 58 -5.41 0.20 -9.84
C TRP A 58 -6.85 0.71 -9.71
N GLU A 59 -7.25 1.70 -10.51
CA GLU A 59 -8.66 2.19 -10.55
C GLU A 59 -9.58 1.05 -10.97
N GLU A 60 -9.24 0.32 -12.03
CA GLU A 60 -10.04 -0.84 -12.53
C GLU A 60 -10.11 -1.92 -11.45
N VAL A 61 -9.00 -2.17 -10.74
CA VAL A 61 -8.94 -3.16 -9.63
C VAL A 61 -9.98 -2.79 -8.57
N SER A 62 -10.06 -1.51 -8.18
CA SER A 62 -10.99 -1.00 -7.13
C SER A 62 -12.45 -1.22 -7.54
N LYS A 63 -12.74 -1.23 -8.84
CA LYS A 63 -14.10 -1.36 -9.43
C LYS A 63 -14.47 -2.85 -9.61
N ASP A 64 -13.54 -3.77 -9.33
CA ASP A 64 -13.77 -5.23 -9.34
C ASP A 64 -14.03 -5.71 -7.91
N PRO A 65 -15.29 -6.01 -7.52
CA PRO A 65 -15.59 -6.37 -6.13
C PRO A 65 -14.77 -7.55 -5.58
N ASP A 66 -14.55 -8.58 -6.41
CA ASP A 66 -13.77 -9.80 -6.04
C ASP A 66 -12.31 -9.43 -5.75
N LEU A 67 -11.75 -8.43 -6.44
CA LEU A 67 -10.35 -7.97 -6.21
C LEU A 67 -10.34 -6.97 -5.04
N ALA A 68 -11.28 -6.03 -5.03
CA ALA A 68 -11.34 -4.93 -4.03
C ALA A 68 -11.37 -5.51 -2.62
N LYS A 69 -12.14 -6.57 -2.38
CA LYS A 69 -12.37 -7.14 -1.02
C LYS A 69 -11.11 -7.85 -0.51
N GLN A 70 -10.09 -8.07 -1.36
CA GLN A 70 -8.81 -8.70 -0.94
C GLN A 70 -7.91 -7.66 -0.26
N PHE A 71 -8.35 -6.39 -0.23
CA PHE A 71 -7.67 -5.29 0.50
C PHE A 71 -8.53 -4.84 1.69
N LYS A 72 -7.88 -4.36 2.75
CA LYS A 72 -8.56 -3.75 3.92
C LYS A 72 -8.88 -2.28 3.59
N ARG A 73 -9.45 -1.53 4.53
CA ARG A 73 -10.10 -0.23 4.25
C ARG A 73 -9.11 0.77 3.62
N SER A 74 -7.93 0.94 4.23
CA SER A 74 -6.96 1.98 3.82
C SER A 74 -6.40 1.69 2.42
N ASN A 75 -6.11 0.44 2.10
CA ASN A 75 -5.63 0.05 0.73
C ASN A 75 -6.76 0.18 -0.30
N ARG A 76 -8.01 -0.10 0.07
CA ARG A 76 -9.15 0.10 -0.86
C ARG A 76 -9.23 1.58 -1.22
N LYS A 77 -9.05 2.49 -0.25
CA LYS A 77 -9.12 3.95 -0.51
C LYS A 77 -8.01 4.34 -1.48
N ARG A 78 -6.82 3.73 -1.39
CA ARG A 78 -5.67 4.06 -2.28
C ARG A 78 -6.01 3.66 -3.72
N ILE A 79 -6.44 2.42 -3.95
CA ILE A 79 -6.67 1.90 -5.32
C ILE A 79 -7.86 2.63 -5.95
N GLN A 80 -8.84 3.06 -5.14
CA GLN A 80 -10.00 3.87 -5.61
C GLN A 80 -9.48 5.15 -6.30
N GLN A 81 -8.35 5.70 -5.81
CA GLN A 81 -7.72 6.96 -6.28
C GLN A 81 -6.62 6.69 -7.32
N GLY A 82 -6.37 5.42 -7.67
CA GLY A 82 -5.39 5.02 -8.69
C GLY A 82 -3.99 4.88 -8.13
N TYR A 83 -3.85 4.92 -6.81
CA TYR A 83 -2.56 4.72 -6.10
C TYR A 83 -2.35 3.23 -5.86
N ALA A 84 -1.11 2.77 -5.99
CA ALA A 84 -0.74 1.37 -5.69
C ALA A 84 -1.01 1.13 -4.21
N PRO A 85 -1.51 -0.07 -3.85
CA PRO A 85 -1.68 -0.42 -2.45
C PRO A 85 -0.31 -0.49 -1.78
N PHE A 86 -0.25 -0.21 -0.49
CA PHE A 86 0.92 -0.57 0.34
C PHE A 86 1.09 -2.08 0.28
N ALA A 87 2.34 -2.54 0.14
CA ALA A 87 2.73 -3.95 0.33
C ALA A 87 2.90 -4.22 1.81
N PRO A 88 2.85 -5.48 2.26
CA PRO A 88 3.21 -5.80 3.64
C PRO A 88 4.60 -5.26 3.98
N GLN A 89 4.80 -4.79 5.21
CA GLN A 89 6.07 -4.16 5.68
C GLN A 89 7.26 -5.06 5.32
N LYS A 90 7.16 -6.37 5.57
CA LYS A 90 8.28 -7.33 5.36
C LYS A 90 8.69 -7.35 3.88
N ASP A 91 7.78 -6.97 2.97
CA ASP A 91 7.95 -7.08 1.51
C ASP A 91 8.35 -5.73 0.91
N GLN A 92 8.50 -4.69 1.74
CA GLN A 92 8.90 -3.35 1.27
C GLN A 92 10.42 -3.27 1.17
N VAL A 93 10.93 -2.23 0.51
CA VAL A 93 12.38 -1.94 0.44
C VAL A 93 12.56 -0.44 0.65
N GLY A 94 12.94 -0.02 1.86
CA GLY A 94 13.11 1.41 2.19
C GLY A 94 11.87 2.20 1.81
N GLY A 95 12.02 3.26 1.01
CA GLY A 95 10.92 4.15 0.58
C GLY A 95 9.98 3.50 -0.44
N ARG A 96 10.32 2.32 -0.96
CA ARG A 96 9.43 1.55 -1.87
C ARG A 96 8.47 0.76 -0.99
N THR A 97 7.33 1.37 -0.69
CA THR A 97 6.36 0.85 0.30
C THR A 97 5.18 0.15 -0.40
N THR A 98 5.07 0.31 -1.71
CA THR A 98 3.84 -0.05 -2.47
C THR A 98 4.13 -1.10 -3.53
N PHE A 99 3.13 -1.89 -3.91
CA PHE A 99 3.26 -2.86 -5.00
C PHE A 99 3.68 -2.13 -6.28
N GLU A 100 4.47 -2.80 -7.11
CA GLU A 100 5.07 -2.23 -8.34
C GLU A 100 4.65 -3.08 -9.53
N LEU A 101 4.64 -2.46 -10.72
CA LEU A 101 4.41 -3.14 -12.02
C LEU A 101 5.77 -3.34 -12.68
N HIS A 102 6.10 -4.59 -13.02
CA HIS A 102 7.36 -4.99 -13.67
C HIS A 102 7.03 -5.95 -14.82
N HIS A 103 8.05 -6.49 -15.47
CA HIS A 103 7.90 -7.35 -16.67
C HIS A 103 8.59 -8.69 -16.42
N ASP A 104 7.90 -9.78 -16.72
CA ASP A 104 8.40 -11.16 -16.49
C ASP A 104 9.59 -11.41 -17.41
N LYS A 105 9.45 -11.09 -18.70
CA LYS A 105 10.42 -11.43 -19.78
C LYS A 105 10.88 -10.16 -20.50
N PRO A 106 12.01 -10.20 -21.25
CA PRO A 106 12.47 -9.06 -22.04
C PRO A 106 11.36 -8.36 -22.84
N ILE A 107 11.40 -7.02 -22.86
CA ILE A 107 10.48 -6.16 -23.67
C ILE A 107 10.99 -6.12 -25.11
N SER A 108 10.10 -6.27 -26.10
CA SER A 108 10.42 -6.31 -27.55
C SER A 108 10.22 -4.93 -28.18
N GLN A 109 10.87 -4.69 -29.32
CA GLN A 109 10.82 -3.41 -30.09
C GLN A 109 9.90 -3.60 -31.30
N GLY A 112 5.30 -2.89 -26.11
CA GLY A 112 6.31 -3.70 -25.42
C GLY A 112 6.14 -3.66 -23.91
N VAL A 113 6.49 -2.51 -23.32
CA VAL A 113 6.33 -2.27 -21.86
C VAL A 113 4.85 -2.38 -21.55
N TYR A 114 3.98 -2.28 -22.55
CA TYR A 114 2.52 -2.31 -22.35
C TYR A 114 1.87 -3.67 -22.64
N ASP A 115 2.67 -4.72 -22.79
CA ASP A 115 2.12 -6.09 -23.05
C ASP A 115 1.67 -6.71 -21.72
N MET A 116 0.37 -6.92 -21.56
CA MET A 116 -0.25 -7.30 -20.27
C MET A 116 -0.23 -8.81 -20.04
N ASN A 117 0.34 -9.57 -20.98
CA ASN A 117 0.77 -10.98 -20.79
C ASN A 117 2.09 -10.99 -20.02
N ASN A 118 2.87 -9.91 -20.13
CA ASN A 118 4.26 -9.79 -19.62
C ASN A 118 4.30 -8.99 -18.31
N ILE A 119 3.35 -8.07 -18.10
CA ILE A 119 3.31 -7.22 -16.87
C ILE A 119 3.00 -8.12 -15.67
N ARG A 120 3.74 -7.91 -14.58
CA ARG A 120 3.51 -8.60 -13.29
C ARG A 120 3.40 -7.53 -12.20
N VAL A 121 2.47 -7.73 -11.27
CA VAL A 121 2.44 -6.98 -9.98
C VAL A 121 3.44 -7.69 -9.07
N THR A 122 4.36 -6.95 -8.47
CA THR A 122 5.35 -7.54 -7.52
C THR A 122 5.43 -6.69 -6.27
N THR A 123 5.98 -7.30 -5.23
CA THR A 123 6.45 -6.57 -4.04
C THR A 123 7.72 -5.83 -4.41
N PRO A 124 8.05 -4.72 -3.73
CA PRO A 124 9.37 -4.12 -3.87
C PRO A 124 10.50 -5.13 -3.67
N LYS A 125 10.39 -5.99 -2.65
CA LYS A 125 11.46 -6.97 -2.32
C LYS A 125 11.67 -7.93 -3.49
N ARG A 126 10.60 -8.37 -4.16
CA ARG A 126 10.71 -9.28 -5.32
C ARG A 126 11.54 -8.59 -6.41
N ALA A 127 11.35 -7.27 -6.56
CA ALA A 127 12.02 -6.42 -7.57
C ALA A 127 13.13 -5.59 -6.90
N ILE A 128 13.81 -6.14 -5.90
CA ILE A 128 14.69 -5.31 -5.01
C ILE A 128 15.79 -4.66 -5.86
N ASP A 129 16.34 -5.36 -6.85
CA ASP A 129 17.53 -4.89 -7.61
C ASP A 129 17.08 -4.05 -8.81
N ILE A 130 16.51 -2.86 -8.55
CA ILE A 130 16.12 -1.90 -9.62
C ILE A 130 17.37 -1.12 -10.05
N MET B 1 5.00 25.12 16.82
CA MET B 1 4.80 23.75 17.38
C MET B 1 5.80 23.53 18.52
N GLU B 2 5.38 22.87 19.60
CA GLU B 2 6.28 22.21 20.57
C GLU B 2 6.66 20.85 19.99
N LEU B 3 7.95 20.64 19.70
CA LEU B 3 8.42 19.48 18.90
C LEU B 3 8.19 18.19 19.67
N LYS B 4 7.75 17.14 18.96
CA LYS B 4 7.65 15.75 19.45
C LYS B 4 9.03 15.10 19.32
N HIS B 5 9.49 14.38 20.35
CA HIS B 5 10.78 13.65 20.35
C HIS B 5 10.51 12.14 20.29
N SER B 6 9.41 11.71 20.88
CA SER B 6 8.97 10.29 20.94
C SER B 6 7.46 10.26 21.13
N ILE B 7 6.87 9.07 21.07
CA ILE B 7 5.40 8.91 21.16
C ILE B 7 4.95 9.33 22.57
N SER B 8 5.86 9.33 23.56
CA SER B 8 5.52 9.71 24.95
C SER B 8 5.32 11.23 25.10
N ASP B 9 5.63 12.02 24.06
CA ASP B 9 5.30 13.46 24.00
C ASP B 9 3.87 13.67 23.48
N TYR B 10 3.19 12.59 23.09
CA TYR B 10 1.77 12.61 22.64
C TYR B 10 0.88 12.12 23.78
N THR B 11 -0.23 12.81 24.05
CA THR B 11 -1.38 12.19 24.76
C THR B 11 -1.97 11.17 23.80
N GLU B 12 -2.71 10.20 24.33
CA GLU B 12 -3.43 9.22 23.50
C GLU B 12 -4.34 9.97 22.53
N ALA B 13 -5.04 11.01 22.99
CA ALA B 13 -5.99 11.79 22.15
C ALA B 13 -5.22 12.46 21.01
N GLU B 14 -4.05 13.04 21.29
CA GLU B 14 -3.20 13.71 20.27
C GLU B 14 -2.76 12.67 19.24
N PHE B 15 -2.36 11.49 19.69
CA PHE B 15 -1.88 10.42 18.78
C PHE B 15 -3.05 9.92 17.94
N LEU B 16 -4.24 9.76 18.53
CA LEU B 16 -5.44 9.34 17.76
C LEU B 16 -5.71 10.36 16.65
N GLU B 17 -5.59 11.65 16.94
CA GLU B 17 -5.79 12.74 15.94
C GLU B 17 -4.79 12.54 14.78
N PHE B 18 -3.53 12.21 15.11
CA PHE B 18 -2.45 11.99 14.12
C PHE B 18 -2.84 10.81 13.22
N VAL B 19 -3.28 9.70 13.81
CA VAL B 19 -3.66 8.47 13.06
C VAL B 19 -4.89 8.78 12.21
N LYS B 20 -5.83 9.60 12.70
CA LYS B 20 -7.04 9.98 11.92
C LYS B 20 -6.62 10.82 10.71
N LYS B 21 -5.63 11.69 10.86
CA LYS B 21 -5.08 12.48 9.72
C LYS B 21 -4.58 11.52 8.64
N ILE B 22 -3.85 10.47 9.03
CA ILE B 22 -3.38 9.41 8.10
C ILE B 22 -4.59 8.70 7.47
N GLU B 23 -5.56 8.25 8.28
CA GLU B 23 -6.70 7.44 7.77
C GLU B 23 -7.56 8.31 6.83
N ASP B 24 -7.71 9.60 7.14
CA ASP B 24 -8.48 10.56 6.31
C ASP B 24 -7.85 10.64 4.91
N ALA B 25 -6.52 10.52 4.82
CA ALA B 25 -5.75 10.40 3.56
C ALA B 25 -6.14 11.56 2.62
N ASN B 26 -6.20 12.78 3.15
CA ASN B 26 -6.55 14.04 2.44
C ASN B 26 -5.27 14.74 1.96
N SER B 27 -4.11 14.28 2.44
CA SER B 27 -2.77 14.84 2.11
C SER B 27 -2.36 14.38 0.70
N SER B 28 -1.33 15.02 0.13
CA SER B 28 -0.61 14.55 -1.08
C SER B 28 -0.02 13.17 -0.80
N GLU B 29 0.25 12.39 -1.85
CA GLU B 29 0.88 11.04 -1.75
C GLU B 29 2.23 11.18 -1.06
N ASP B 30 3.05 12.16 -1.45
CA ASP B 30 4.37 12.38 -0.80
C ASP B 30 4.16 12.62 0.70
N GLU B 31 3.22 13.50 1.07
CA GLU B 31 2.96 13.81 2.51
C GLU B 31 2.45 12.53 3.20
N GLN B 32 1.57 11.76 2.56
CA GLN B 32 1.02 10.51 3.14
C GLN B 32 2.17 9.55 3.45
N GLN B 33 3.11 9.37 2.52
CA GLN B 33 4.27 8.47 2.73
C GLN B 33 5.08 8.98 3.93
N LYS B 34 5.30 10.29 4.04
CA LYS B 34 6.08 10.88 5.17
C LYS B 34 5.32 10.72 6.49
N LEU B 35 3.99 10.84 6.47
CA LEU B 35 3.18 10.61 7.69
C LEU B 35 3.32 9.15 8.15
N VAL B 36 3.22 8.19 7.24
CA VAL B 36 3.33 6.74 7.61
C VAL B 36 4.74 6.48 8.14
N GLU B 37 5.77 7.05 7.53
CA GLU B 37 7.18 6.91 7.99
C GLU B 37 7.30 7.43 9.44
N GLU B 38 6.69 8.58 9.73
CA GLU B 38 6.72 9.19 11.09
C GLU B 38 5.94 8.28 12.03
N PHE B 39 4.77 7.79 11.60
CA PHE B 39 3.94 6.84 12.37
C PHE B 39 4.83 5.68 12.85
N ILE B 40 5.56 5.04 11.95
CA ILE B 40 6.41 3.85 12.30
C ILE B 40 7.52 4.28 13.25
N ARG B 41 8.13 5.43 13.01
CA ARG B 41 9.22 5.97 13.87
C ARG B 41 8.71 6.11 15.30
N LEU B 42 7.47 6.59 15.47
CA LEU B 42 6.87 6.89 16.80
C LEU B 42 6.42 5.59 17.48
N THR B 43 5.73 4.68 16.78
CA THR B 43 5.16 3.46 17.43
C THR B 43 6.27 2.49 17.82
N GLU B 44 7.33 2.38 17.01
CA GLU B 44 8.38 1.33 17.14
C GLU B 44 7.74 -0.07 17.05
N HIS B 45 6.54 -0.19 16.48
CA HIS B 45 5.83 -1.49 16.38
C HIS B 45 6.37 -2.28 15.20
N PRO B 46 6.77 -3.56 15.40
CA PRO B 46 7.41 -4.33 14.33
C PRO B 46 6.50 -4.61 13.11
N SER B 47 5.18 -4.44 13.25
CA SER B 47 4.21 -4.53 12.13
C SER B 47 4.40 -3.35 11.15
N GLY B 48 5.05 -2.26 11.58
CA GLY B 48 5.28 -1.09 10.73
C GLY B 48 3.97 -0.57 10.14
N SER B 49 3.91 -0.41 8.82
CA SER B 49 2.72 0.16 8.12
C SER B 49 1.56 -0.85 8.12
N ASP B 50 1.81 -2.12 8.46
CA ASP B 50 0.76 -3.17 8.46
C ASP B 50 -0.36 -2.77 9.44
N LEU B 51 -0.05 -2.04 10.53
CA LEU B 51 -1.10 -1.61 11.48
C LEU B 51 -2.18 -0.83 10.71
N ILE B 52 -1.79 -0.04 9.72
CA ILE B 52 -2.74 0.79 8.92
C ILE B 52 -3.34 -0.07 7.78
N TYR B 53 -2.51 -0.77 7.01
CA TYR B 53 -2.90 -1.34 5.69
C TYR B 53 -3.19 -2.85 5.74
N TYR B 54 -2.67 -3.58 6.74
CA TYR B 54 -2.89 -5.04 6.91
C TYR B 54 -3.26 -5.31 8.37
N PRO B 55 -4.33 -4.67 8.88
CA PRO B 55 -4.71 -4.85 10.27
C PRO B 55 -5.15 -6.28 10.54
N ARG B 56 -4.78 -6.81 11.71
CA ARG B 56 -5.26 -8.11 12.24
C ARG B 56 -6.79 -8.09 12.35
N ASP B 57 -7.41 -9.26 12.21
CA ASP B 57 -8.90 -9.40 12.17
C ASP B 57 -9.51 -9.14 13.55
N ASP B 58 -8.73 -9.30 14.62
CA ASP B 58 -9.24 -9.38 16.02
C ASP B 58 -9.20 -8.01 16.70
N ARG B 59 -9.14 -6.92 15.93
CA ARG B 59 -9.46 -5.56 16.41
C ARG B 59 -10.04 -4.76 15.23
N GLU B 60 -10.53 -3.56 15.55
CA GLU B 60 -11.27 -2.65 14.63
C GLU B 60 -10.29 -2.10 13.60
N ASP B 61 -10.64 -2.16 12.31
CA ASP B 61 -9.86 -1.50 11.23
C ASP B 61 -10.21 0.00 11.25
N SER B 62 -9.60 0.74 12.18
CA SER B 62 -9.93 2.16 12.45
C SER B 62 -8.79 2.80 13.22
N PRO B 63 -8.68 4.14 13.24
CA PRO B 63 -7.66 4.81 14.04
C PRO B 63 -7.73 4.35 15.51
N GLU B 64 -8.94 4.18 16.05
CA GLU B 64 -9.12 3.74 17.45
C GLU B 64 -8.52 2.34 17.64
N GLY B 65 -8.75 1.42 16.69
CA GLY B 65 -8.18 0.06 16.74
C GLY B 65 -6.66 0.10 16.69
N ILE B 66 -6.12 0.95 15.83
CA ILE B 66 -4.64 1.10 15.66
C ILE B 66 -4.06 1.57 16.99
N VAL B 67 -4.64 2.62 17.58
CA VAL B 67 -4.09 3.23 18.83
C VAL B 67 -4.18 2.19 19.94
N LYS B 68 -5.28 1.42 20.00
CA LYS B 68 -5.45 0.37 21.04
C LYS B 68 -4.33 -0.67 20.91
N GLU B 69 -4.02 -1.13 19.69
CA GLU B 69 -2.98 -2.17 19.51
C GLU B 69 -1.60 -1.59 19.89
N ILE B 70 -1.30 -0.36 19.48
CA ILE B 70 -0.01 0.32 19.83
C ILE B 70 0.09 0.40 21.35
N LYS B 71 -0.98 0.88 22.00
CA LYS B 71 -0.99 1.10 23.47
C LYS B 71 -0.68 -0.22 24.18
N GLU B 72 -1.35 -1.31 23.79
CA GLU B 72 -1.26 -2.62 24.47
C GLU B 72 0.11 -3.24 24.20
N TRP B 73 0.59 -3.16 22.96
CA TRP B 73 1.89 -3.75 22.58
C TRP B 73 3.02 -3.02 23.32
N ARG B 74 3.01 -1.69 23.32
CA ARG B 74 4.08 -0.87 23.95
C ARG B 74 4.12 -1.19 25.45
N ALA B 75 2.96 -1.26 26.11
CA ALA B 75 2.88 -1.52 27.57
C ALA B 75 3.49 -2.90 27.87
N ALA B 76 3.16 -3.91 27.06
CA ALA B 76 3.58 -5.33 27.26
C ALA B 76 5.08 -5.50 26.98
N ASN B 77 5.68 -4.60 26.21
CA ASN B 77 7.11 -4.71 25.79
C ASN B 77 7.97 -3.72 26.59
N GLY B 78 7.45 -3.18 27.69
CA GLY B 78 8.20 -2.30 28.62
C GLY B 78 8.64 -1.02 27.95
N LYS B 79 7.88 -0.52 26.97
CA LYS B 79 8.15 0.77 26.30
C LYS B 79 7.32 1.87 26.97
N SER B 80 7.76 3.12 26.83
CA SER B 80 7.06 4.31 27.39
C SER B 80 5.67 4.42 26.76
N GLY B 81 4.69 4.86 27.55
CA GLY B 81 3.29 5.03 27.13
C GLY B 81 3.02 6.47 26.75
N PHE B 82 1.76 6.79 26.48
CA PHE B 82 1.30 8.15 26.11
C PHE B 82 1.46 9.08 27.31
N LYS B 83 1.70 10.35 27.03
CA LYS B 83 1.62 11.46 28.01
C LYS B 83 0.23 11.42 28.65
N GLN B 84 0.13 11.55 29.96
CA GLN B 84 -1.18 11.71 30.64
C GLN B 84 -1.61 13.17 30.42
N GLY B 85 -2.82 13.37 29.93
CA GLY B 85 -3.45 14.71 29.80
C GLY B 85 -4.32 15.02 31.00
N LEU B 86 -5.28 15.91 30.82
CA LEU B 86 -6.14 16.40 31.93
C LEU B 86 -7.37 15.49 32.10
N GLU B 87 -7.47 14.40 31.33
CA GLU B 87 -8.45 13.30 31.56
C GLU B 87 -8.08 12.53 32.84
N HIS B 88 -6.78 12.41 33.16
CA HIS B 88 -6.27 11.63 34.30
C HIS B 88 -6.60 12.33 35.62
#